data_3Q5P
#
_entry.id   3Q5P
#
_cell.length_a   106.676
_cell.length_b   106.676
_cell.length_c   146.165
_cell.angle_alpha   90.00
_cell.angle_beta   90.00
_cell.angle_gamma   90.00
#
_symmetry.space_group_name_H-M   'P 43 2 2'
#
loop_
_entity.id
_entity.type
_entity.pdbx_description
1 polymer 'Multidrug-efflux transporter 1 regulator'
2 polymer '23 bp BmrR promoter DNA'
3 non-polymer TETRACYCLINE
4 non-polymer GLYCEROL
5 water water
#
loop_
_entity_poly.entity_id
_entity_poly.type
_entity_poly.pdbx_seq_one_letter_code
_entity_poly.pdbx_strand_id
1 'polypeptide(L)'
;MKESYYSIGEVSKLANVSIKALRYYDKIDLFKPAYVDPDTSYRYYTDSQLIHLDLIKSLKYIGTPLEEMKKAQDLEMEEL
FAFYTEQERQIREKLDFLSALEQTISLVKKRMKRQMEYPALGEVFVLDEEEIRIIQTEAEGLGPENVLNASYSKLKKFIE
SADGFTNNSYGATFSFQPYTSIDEMTYRHIFTPVLTNKQISSITPDMEITTIPKGRYACIAYNFSPEHYFLNLQKLIKYI
ADRQLTVVSDVYELIIPIHYSPKKQEEYRVEMKIRILD
;
A
2 'polydeoxyribonucleotide'
;(DG)(DA)(DC)(DC)(DC)(DT)(DC)(DC)(DC)(DC)(DT)(DT)(DA)(DG)(DG)(DG)(DG)(DA)(DG)(DG)
(DG)(DT)(DC)
;
B
#
# COMPACT_ATOMS: atom_id res chain seq x y z
N LYS A 2 -53.82 8.09 -2.27
CA LYS A 2 -54.76 7.87 -1.18
C LYS A 2 -55.66 6.68 -1.53
N GLU A 3 -56.68 6.92 -2.34
CA GLU A 3 -57.58 5.83 -2.74
C GLU A 3 -57.18 5.19 -4.08
N SER A 4 -55.91 5.35 -4.46
CA SER A 4 -55.39 4.72 -5.68
C SER A 4 -53.94 4.25 -5.50
N TYR A 5 -53.41 3.58 -6.50
CA TYR A 5 -52.00 3.21 -6.48
C TYR A 5 -51.17 4.18 -7.33
N TYR A 6 -49.87 4.23 -7.04
CA TYR A 6 -48.92 4.82 -7.97
C TYR A 6 -48.39 3.69 -8.86
N SER A 7 -48.12 3.98 -10.13
CA SER A 7 -47.50 2.97 -10.98
C SER A 7 -46.04 3.15 -10.71
N ILE A 8 -45.21 2.25 -11.24
CA ILE A 8 -43.81 2.24 -10.87
C ILE A 8 -43.07 3.55 -11.24
N GLY A 9 -43.44 4.14 -12.38
CA GLY A 9 -42.83 5.39 -12.79
C GLY A 9 -43.11 6.54 -11.83
N GLU A 10 -44.35 6.60 -11.36
CA GLU A 10 -44.74 7.60 -10.38
C GLU A 10 -43.86 7.44 -9.16
N VAL A 11 -43.81 6.22 -8.64
CA VAL A 11 -43.04 5.98 -7.43
C VAL A 11 -41.60 6.37 -7.66
N SER A 12 -41.10 6.11 -8.86
CA SER A 12 -39.70 6.35 -9.16
C SER A 12 -39.40 7.84 -9.11
N LYS A 13 -40.32 8.66 -9.63
CA LYS A 13 -40.09 10.11 -9.63
C LYS A 13 -40.21 10.63 -8.20
N LEU A 14 -41.30 10.27 -7.53
CA LEU A 14 -41.50 10.61 -6.12
C LEU A 14 -40.33 10.25 -5.18
N ALA A 15 -39.77 9.05 -5.32
CA ALA A 15 -38.81 8.57 -4.34
C ALA A 15 -37.40 8.66 -4.88
N ASN A 16 -37.29 9.15 -6.12
CA ASN A 16 -35.99 9.29 -6.78
C ASN A 16 -35.21 7.99 -6.66
N VAL A 17 -35.84 6.93 -7.15
CA VAL A 17 -35.30 5.59 -7.20
C VAL A 17 -35.64 5.11 -8.59
N SER A 18 -34.69 4.44 -9.23
CA SER A 18 -34.86 3.94 -10.59
C SER A 18 -35.88 2.82 -10.68
N ILE A 19 -36.62 2.80 -11.77
CA ILE A 19 -37.53 1.70 -12.05
C ILE A 19 -36.82 0.34 -12.00
N LYS A 20 -35.67 0.24 -12.65
CA LYS A 20 -34.96 -1.04 -12.65
C LYS A 20 -34.68 -1.42 -11.20
N ALA A 21 -34.43 -0.41 -10.36
CA ALA A 21 -34.16 -0.64 -8.95
C ALA A 21 -35.38 -1.23 -8.27
N LEU A 22 -36.53 -0.61 -8.50
CA LEU A 22 -37.80 -1.08 -7.91
C LEU A 22 -38.17 -2.50 -8.34
N ARG A 23 -37.97 -2.82 -9.62
CA ARG A 23 -38.23 -4.20 -10.07
C ARG A 23 -37.30 -5.16 -9.37
N TYR A 24 -36.04 -4.74 -9.16
CA TYR A 24 -35.10 -5.55 -8.39
C TYR A 24 -35.58 -5.81 -6.97
N TYR A 25 -35.79 -4.72 -6.23
CA TYR A 25 -36.32 -4.82 -4.87
C TYR A 25 -37.57 -5.68 -4.81
N ASP A 26 -38.39 -5.61 -5.85
CA ASP A 26 -39.50 -6.52 -5.99
C ASP A 26 -38.98 -7.96 -6.02
N LYS A 27 -38.12 -8.29 -6.99
CA LYS A 27 -37.57 -9.67 -7.13
C LYS A 27 -37.08 -10.24 -5.81
N ILE A 28 -36.31 -9.43 -5.08
CA ILE A 28 -35.71 -9.88 -3.82
C ILE A 28 -36.58 -9.63 -2.60
N ASP A 29 -37.88 -9.43 -2.78
CA ASP A 29 -38.79 -9.35 -1.65
C ASP A 29 -38.24 -8.39 -0.58
N LEU A 30 -37.73 -7.25 -1.03
CA LEU A 30 -37.32 -6.18 -0.15
C LEU A 30 -38.38 -5.10 -0.12
N PHE A 31 -38.90 -4.78 -1.29
CA PHE A 31 -39.99 -3.86 -1.40
C PHE A 31 -40.83 -4.41 -2.49
N LYS A 32 -42.10 -4.64 -2.25
CA LYS A 32 -42.96 -5.18 -3.27
C LYS A 32 -44.17 -4.32 -3.48
N PRO A 33 -44.58 -4.08 -4.71
CA PRO A 33 -45.82 -3.32 -4.86
C PRO A 33 -46.96 -3.87 -4.02
N ALA A 34 -47.82 -2.98 -3.54
CA ALA A 34 -48.94 -3.41 -2.74
C ALA A 34 -49.76 -4.36 -3.58
N TYR A 35 -49.83 -4.07 -4.87
CA TYR A 35 -50.70 -4.82 -5.78
C TYR A 35 -50.02 -4.97 -7.12
N VAL A 36 -50.22 -6.14 -7.73
CA VAL A 36 -49.73 -6.40 -9.08
C VAL A 36 -50.84 -6.90 -9.99
N ASP A 37 -51.11 -6.14 -11.04
CA ASP A 37 -52.12 -6.49 -12.02
C ASP A 37 -51.81 -7.89 -12.54
N PRO A 38 -52.75 -8.83 -12.41
CA PRO A 38 -52.49 -10.20 -12.86
C PRO A 38 -52.42 -10.33 -14.40
N ASP A 39 -52.95 -9.34 -15.12
CA ASP A 39 -53.07 -9.44 -16.58
C ASP A 39 -51.96 -8.72 -17.31
N THR A 40 -51.55 -7.57 -16.78
CA THR A 40 -50.46 -6.77 -17.35
C THR A 40 -49.16 -6.94 -16.56
N SER A 41 -49.24 -7.64 -15.43
CA SER A 41 -48.11 -7.80 -14.52
C SER A 41 -47.55 -6.44 -14.12
N TYR A 42 -48.33 -5.39 -14.34
CA TYR A 42 -47.98 -4.04 -13.95
C TYR A 42 -47.89 -3.95 -12.44
N ARG A 43 -46.92 -3.18 -11.94
CA ARG A 43 -46.76 -2.98 -10.50
C ARG A 43 -47.44 -1.70 -10.02
N TYR A 44 -48.12 -1.81 -8.88
CA TYR A 44 -48.89 -0.70 -8.30
C TYR A 44 -48.66 -0.60 -6.78
N TYR A 45 -48.35 0.62 -6.32
CA TYR A 45 -47.86 0.87 -4.95
C TYR A 45 -48.76 1.83 -4.16
N THR A 46 -49.13 1.48 -2.93
CA THR A 46 -49.96 2.40 -2.14
C THR A 46 -49.12 3.56 -1.63
N ASP A 47 -49.76 4.68 -1.32
CA ASP A 47 -49.00 5.84 -0.86
C ASP A 47 -48.33 5.53 0.46
N SER A 48 -49.06 4.89 1.37
CA SER A 48 -48.56 4.64 2.73
C SER A 48 -47.31 3.75 2.79
N GLN A 49 -47.20 2.81 1.85
CA GLN A 49 -46.03 1.94 1.77
C GLN A 49 -44.79 2.64 1.24
N LEU A 50 -44.95 3.82 0.65
CA LEU A 50 -43.77 4.59 0.25
C LEU A 50 -42.78 4.85 1.41
N ILE A 51 -43.24 4.69 2.64
CA ILE A 51 -42.41 5.04 3.77
C ILE A 51 -41.25 4.04 3.97
N HIS A 52 -41.42 2.82 3.48
CA HIS A 52 -40.39 1.81 3.67
C HIS A 52 -39.17 2.10 2.81
N LEU A 53 -39.21 3.16 2.02
CA LEU A 53 -38.08 3.46 1.17
C LEU A 53 -37.14 4.37 1.91
N ASP A 54 -37.66 5.13 2.87
CA ASP A 54 -36.79 5.97 3.67
C ASP A 54 -35.62 5.13 4.16
N LEU A 55 -35.94 4.00 4.77
CA LEU A 55 -34.94 3.16 5.40
C LEU A 55 -34.00 2.54 4.36
N ILE A 56 -34.58 2.07 3.26
CA ILE A 56 -33.79 1.41 2.22
C ILE A 56 -32.83 2.40 1.55
N LYS A 57 -33.33 3.54 1.17
CA LYS A 57 -32.52 4.61 0.64
C LYS A 57 -31.38 5.02 1.60
N SER A 58 -31.68 5.18 2.89
CA SER A 58 -30.60 5.55 3.82
C SER A 58 -29.56 4.45 4.00
N LEU A 59 -30.00 3.23 4.28
CA LEU A 59 -29.08 2.11 4.39
C LEU A 59 -28.23 1.98 3.13
N LYS A 60 -28.84 2.21 1.98
CA LYS A 60 -28.15 2.15 0.70
C LYS A 60 -27.08 3.22 0.62
N TYR A 61 -27.38 4.38 1.19
CA TYR A 61 -26.43 5.49 1.20
C TYR A 61 -25.20 5.13 2.01
N ILE A 62 -25.42 4.52 3.18
CA ILE A 62 -24.28 4.07 3.98
C ILE A 62 -23.71 2.76 3.41
N GLY A 63 -24.41 2.19 2.45
CA GLY A 63 -23.89 1.05 1.71
C GLY A 63 -24.07 -0.31 2.35
N THR A 64 -25.12 -0.46 3.13
CA THR A 64 -25.48 -1.77 3.67
C THR A 64 -25.93 -2.62 2.50
N PRO A 65 -25.44 -3.87 2.42
CA PRO A 65 -25.94 -4.81 1.42
C PRO A 65 -27.42 -5.11 1.60
N LEU A 66 -28.11 -5.40 0.50
CA LEU A 66 -29.58 -5.53 0.53
C LEU A 66 -30.09 -6.68 1.44
N GLU A 67 -29.45 -7.84 1.36
CA GLU A 67 -29.90 -8.96 2.18
C GLU A 67 -29.81 -8.54 3.63
N GLU A 68 -28.87 -7.65 3.91
CA GLU A 68 -28.72 -7.05 5.23
C GLU A 68 -29.95 -6.18 5.54
N MET A 69 -30.26 -5.24 4.63
CA MET A 69 -31.47 -4.42 4.79
C MET A 69 -32.72 -5.23 5.20
N LYS A 70 -32.96 -6.34 4.52
CA LYS A 70 -34.09 -7.21 4.91
C LYS A 70 -34.14 -7.47 6.40
N LYS A 71 -33.06 -8.04 6.93
CA LYS A 71 -32.96 -8.36 8.35
C LYS A 71 -32.93 -7.10 9.19
N ALA A 72 -32.69 -5.99 8.54
CA ALA A 72 -32.82 -4.66 9.14
C ALA A 72 -34.24 -4.20 9.41
N GLN A 73 -35.13 -4.53 8.51
CA GLN A 73 -36.50 -4.07 8.57
C GLN A 73 -37.26 -4.52 9.80
N ASP A 74 -36.94 -5.70 10.26
CA ASP A 74 -37.69 -6.36 11.31
C ASP A 74 -37.20 -5.93 12.66
N LEU A 75 -36.38 -4.90 12.69
CA LEU A 75 -35.79 -4.44 13.93
C LEU A 75 -36.72 -3.53 14.71
N GLU A 76 -36.61 -3.57 16.03
CA GLU A 76 -37.32 -2.66 16.91
C GLU A 76 -36.46 -1.40 17.02
N MET A 77 -37.11 -0.27 17.29
CA MET A 77 -36.41 1.02 17.31
C MET A 77 -35.11 0.94 18.13
N GLU A 78 -35.12 0.17 19.22
CA GLU A 78 -33.93 0.00 20.04
C GLU A 78 -32.83 -0.84 19.35
N GLU A 79 -33.24 -1.95 18.74
CA GLU A 79 -32.29 -2.78 18.00
C GLU A 79 -31.74 -2.05 16.78
N LEU A 80 -32.54 -1.12 16.24
CA LEU A 80 -32.11 -0.35 15.09
C LEU A 80 -31.01 0.58 15.55
N PHE A 81 -31.25 1.21 16.70
CA PHE A 81 -30.20 1.97 17.36
C PHE A 81 -28.93 1.13 17.39
N ALA A 82 -28.99 -0.03 18.03
CA ALA A 82 -27.80 -0.89 18.15
C ALA A 82 -27.10 -1.08 16.80
N PHE A 83 -27.91 -1.45 15.81
CA PHE A 83 -27.42 -1.65 14.46
C PHE A 83 -26.62 -0.45 13.94
N TYR A 84 -27.20 0.75 14.04
CA TYR A 84 -26.47 1.97 13.69
C TYR A 84 -25.14 2.03 14.44
N THR A 85 -25.15 1.82 15.75
CA THR A 85 -23.89 1.80 16.50
C THR A 85 -22.85 0.93 15.79
N GLU A 86 -23.30 -0.26 15.38
CA GLU A 86 -22.47 -1.17 14.60
C GLU A 86 -21.88 -0.50 13.35
N GLN A 87 -22.71 0.20 12.57
CA GLN A 87 -22.12 0.95 11.44
C GLN A 87 -21.04 1.93 11.91
N GLU A 88 -21.36 2.79 12.88
CA GLU A 88 -20.36 3.68 13.46
C GLU A 88 -19.00 2.99 13.70
N ARG A 89 -19.05 1.77 14.22
CA ARG A 89 -17.84 0.97 14.36
C ARG A 89 -17.18 0.72 12.98
N GLN A 90 -17.92 0.09 12.07
CA GLN A 90 -17.39 -0.21 10.71
C GLN A 90 -16.70 0.99 10.05
N ILE A 91 -17.41 2.12 10.07
CA ILE A 91 -16.86 3.36 9.57
C ILE A 91 -15.56 3.69 10.26
N ARG A 92 -15.59 3.89 11.58
CA ARG A 92 -14.38 4.35 12.25
C ARG A 92 -13.20 3.46 11.79
N GLU A 93 -13.45 2.15 11.69
CA GLU A 93 -12.45 1.25 11.11
C GLU A 93 -11.94 1.76 9.74
N LYS A 94 -12.87 2.06 8.82
CA LYS A 94 -12.45 2.57 7.50
C LYS A 94 -11.68 3.90 7.55
N LEU A 95 -12.10 4.79 8.44
CA LEU A 95 -11.43 6.07 8.59
C LEU A 95 -9.98 5.87 9.03
N ASP A 96 -9.76 4.89 9.90
CA ASP A 96 -8.41 4.56 10.34
C ASP A 96 -7.61 4.05 9.16
N PHE A 97 -8.14 2.98 8.55
CA PHE A 97 -7.50 2.41 7.38
C PHE A 97 -7.03 3.51 6.43
N LEU A 98 -7.91 4.48 6.19
CA LEU A 98 -7.64 5.53 5.22
C LEU A 98 -6.65 6.58 5.69
N SER A 99 -6.77 7.06 6.92
CA SER A 99 -5.77 8.01 7.42
C SER A 99 -4.39 7.36 7.26
N ALA A 100 -4.32 6.07 7.60
CA ALA A 100 -3.10 5.28 7.46
C ALA A 100 -2.59 5.27 6.02
N LEU A 101 -3.42 4.72 5.14
CA LEU A 101 -3.17 4.72 3.71
C LEU A 101 -2.65 6.06 3.17
N GLU A 102 -3.39 7.13 3.46
CA GLU A 102 -3.04 8.50 3.08
C GLU A 102 -1.63 8.86 3.48
N GLN A 103 -1.27 8.55 4.72
CA GLN A 103 0.11 8.79 5.14
C GLN A 103 1.13 7.93 4.38
N THR A 104 0.96 6.60 4.40
CA THR A 104 1.84 5.72 3.65
C THR A 104 2.13 6.30 2.27
N ILE A 105 1.09 6.60 1.50
CA ILE A 105 1.28 7.19 0.19
C ILE A 105 2.09 8.47 0.25
N SER A 106 1.68 9.41 1.10
CA SER A 106 2.43 10.67 1.23
C SER A 106 3.94 10.42 1.32
N LEU A 107 4.29 9.37 2.07
CA LEU A 107 5.68 9.02 2.32
C LEU A 107 6.36 8.38 1.13
N VAL A 108 5.68 7.42 0.51
CA VAL A 108 6.15 6.85 -0.74
C VAL A 108 6.54 7.99 -1.68
N LYS A 109 5.61 8.93 -1.87
CA LYS A 109 5.88 10.11 -2.68
C LYS A 109 7.13 10.87 -2.23
N LYS A 110 7.29 11.10 -0.92
CA LYS A 110 8.52 11.77 -0.44
C LYS A 110 9.79 11.04 -0.91
N ARG A 111 9.80 9.72 -0.76
CA ARG A 111 10.95 8.92 -1.19
C ARG A 111 11.21 9.01 -2.71
N MET A 112 10.17 8.78 -3.50
CA MET A 112 10.23 8.92 -4.96
C MET A 112 10.81 10.27 -5.39
N LYS A 113 10.29 11.34 -4.82
CA LYS A 113 10.81 12.66 -5.12
C LYS A 113 12.30 12.66 -4.81
N ARG A 114 12.67 12.26 -3.59
CA ARG A 114 14.08 12.31 -3.22
C ARG A 114 14.94 11.67 -4.31
N GLN A 115 14.45 10.58 -4.88
CA GLN A 115 15.18 9.91 -5.97
C GLN A 115 15.19 10.66 -7.30
N MET A 116 14.15 11.45 -7.56
CA MET A 116 14.13 12.24 -8.79
C MET A 116 14.89 13.54 -8.67
N GLU A 117 15.66 13.69 -7.58
CA GLU A 117 16.42 14.90 -7.32
C GLU A 117 17.90 14.64 -7.09
N TYR A 118 18.33 13.38 -7.21
CA TYR A 118 19.74 13.06 -7.00
C TYR A 118 20.55 13.93 -7.97
N PRO A 119 21.43 14.79 -7.42
CA PRO A 119 22.09 15.89 -8.14
C PRO A 119 22.90 15.42 -9.33
N ALA A 120 23.60 14.32 -9.18
CA ALA A 120 24.36 13.75 -10.30
C ALA A 120 24.34 12.25 -10.26
N LEU A 121 24.05 11.66 -11.41
CA LEU A 121 24.19 10.24 -11.54
C LEU A 121 25.64 9.97 -11.91
N GLY A 122 26.21 8.91 -11.36
CA GLY A 122 27.57 8.56 -11.66
C GLY A 122 28.59 9.24 -10.76
N GLU A 123 28.27 10.44 -10.27
CA GLU A 123 29.22 11.17 -9.42
C GLU A 123 28.97 10.90 -7.91
N VAL A 124 30.02 11.08 -7.09
CA VAL A 124 29.95 10.82 -5.64
C VAL A 124 29.59 12.06 -4.86
N PHE A 125 28.33 12.21 -4.49
CA PHE A 125 27.94 13.38 -3.73
C PHE A 125 27.97 12.98 -2.26
N VAL A 126 28.32 13.90 -1.35
CA VAL A 126 28.20 13.62 0.09
C VAL A 126 27.06 14.39 0.74
N LEU A 127 26.24 13.76 1.57
CA LEU A 127 25.09 14.48 2.11
C LEU A 127 24.51 14.05 3.46
N ASP A 128 23.64 14.90 3.98
CA ASP A 128 23.04 14.68 5.29
C ASP A 128 21.68 14.00 5.14
N GLU A 129 21.52 12.88 5.83
CA GLU A 129 20.35 12.06 5.61
C GLU A 129 19.56 11.85 6.88
N GLU A 130 18.24 11.98 6.75
CA GLU A 130 17.32 11.56 7.81
C GLU A 130 17.29 10.06 8.02
N GLU A 131 16.91 9.63 9.22
CA GLU A 131 16.87 8.19 9.52
C GLU A 131 15.98 7.32 8.67
N ILE A 132 16.41 6.11 8.34
CA ILE A 132 15.58 5.20 7.55
C ILE A 132 15.34 3.89 8.30
N ARG A 133 14.09 3.62 8.66
CA ARG A 133 13.77 2.38 9.35
C ARG A 133 13.63 1.26 8.33
N ILE A 134 14.14 0.09 8.67
CA ILE A 134 14.12 -1.04 7.76
C ILE A 134 14.03 -2.33 8.52
N ILE A 135 13.74 -3.40 7.79
CA ILE A 135 13.77 -4.74 8.35
C ILE A 135 14.71 -5.59 7.53
N GLN A 136 15.63 -6.25 8.22
CA GLN A 136 16.71 -6.92 7.53
C GLN A 136 16.90 -8.31 8.10
N THR A 137 17.72 -9.10 7.41
CA THR A 137 17.88 -10.49 7.78
C THR A 137 19.21 -11.03 7.25
N GLU A 138 19.80 -12.00 7.95
CA GLU A 138 21.13 -12.50 7.59
C GLU A 138 21.14 -12.91 6.10
N ALA A 139 22.09 -12.39 5.34
CA ALA A 139 22.23 -12.80 3.95
C ALA A 139 23.19 -13.98 3.98
N GLU A 140 22.69 -15.19 3.75
CA GLU A 140 23.52 -16.35 3.96
C GLU A 140 24.33 -16.77 2.74
N GLY A 141 25.50 -16.15 2.60
CA GLY A 141 26.37 -16.40 1.46
C GLY A 141 25.71 -15.94 0.18
N LEU A 142 25.37 -14.67 0.13
CA LEU A 142 24.68 -14.12 -1.01
C LEU A 142 25.44 -12.92 -1.48
N GLY A 143 25.99 -13.01 -2.68
CA GLY A 143 26.66 -11.87 -3.26
C GLY A 143 25.67 -11.23 -4.22
N PRO A 144 26.13 -10.18 -4.88
CA PRO A 144 25.40 -9.51 -5.96
C PRO A 144 25.18 -10.50 -7.11
N GLU A 145 26.17 -11.38 -7.29
CA GLU A 145 26.18 -12.35 -8.39
C GLU A 145 25.08 -13.42 -8.33
N ASN A 146 24.59 -13.75 -7.14
CA ASN A 146 23.64 -14.85 -7.01
C ASN A 146 22.38 -14.53 -6.22
N VAL A 147 22.17 -13.27 -5.91
CA VAL A 147 20.98 -12.92 -5.15
C VAL A 147 19.69 -12.84 -6.01
N LEU A 148 18.60 -13.40 -5.50
CA LEU A 148 17.32 -13.38 -6.21
C LEU A 148 16.23 -12.56 -5.51
N ASN A 149 15.20 -12.18 -6.28
CA ASN A 149 13.98 -11.60 -5.72
C ASN A 149 13.34 -12.53 -4.71
N ALA A 150 13.41 -13.82 -4.98
CA ALA A 150 12.85 -14.84 -4.09
C ALA A 150 13.57 -14.81 -2.76
N SER A 151 14.77 -14.23 -2.75
CA SER A 151 15.52 -14.08 -1.49
C SER A 151 14.80 -13.12 -0.56
N TYR A 152 13.96 -12.26 -1.11
CA TYR A 152 13.33 -11.24 -0.30
C TYR A 152 11.98 -11.69 0.18
N SER A 153 11.63 -12.93 -0.14
CA SER A 153 10.29 -13.42 0.07
C SER A 153 9.71 -13.26 1.48
N LYS A 154 10.48 -13.65 2.51
CA LYS A 154 10.06 -13.50 3.91
C LYS A 154 9.93 -12.03 4.37
N LEU A 155 11.01 -11.25 4.19
CA LEU A 155 10.95 -9.81 4.50
C LEU A 155 9.72 -9.20 3.87
N LYS A 156 9.60 -9.34 2.54
CA LYS A 156 8.45 -8.81 1.82
C LYS A 156 7.21 -9.25 2.60
N LYS A 157 7.02 -10.55 2.79
CA LYS A 157 5.82 -11.02 3.48
C LYS A 157 5.47 -10.31 4.76
N PHE A 158 6.45 -10.13 5.66
CA PHE A 158 6.20 -9.38 6.89
C PHE A 158 5.84 -7.92 6.59
N ILE A 159 6.76 -7.17 5.98
CA ILE A 159 6.50 -5.76 5.68
C ILE A 159 5.14 -5.49 5.02
N GLU A 160 4.74 -6.31 4.05
CA GLU A 160 3.49 -6.07 3.37
C GLU A 160 2.34 -6.54 4.24
N SER A 161 2.63 -7.43 5.15
CA SER A 161 1.61 -7.91 6.06
C SER A 161 1.27 -6.88 7.10
N ALA A 162 2.08 -5.85 7.21
CA ALA A 162 1.75 -4.78 8.13
C ALA A 162 1.80 -3.42 7.51
N ASP A 163 2.18 -3.33 6.26
CA ASP A 163 2.28 -2.04 5.61
C ASP A 163 1.27 -1.95 4.49
N GLY A 164 0.97 -3.09 3.92
CA GLY A 164 -0.02 -3.22 2.87
C GLY A 164 0.55 -2.73 1.58
N PHE A 165 1.73 -2.16 1.68
CA PHE A 165 2.45 -1.62 0.55
C PHE A 165 3.78 -2.34 0.35
N THR A 166 3.99 -2.91 -0.83
CA THR A 166 5.23 -3.64 -1.07
C THR A 166 6.13 -3.05 -2.14
N ASN A 167 5.52 -2.42 -3.12
CA ASN A 167 6.26 -1.99 -4.26
C ASN A 167 7.31 -1.21 -3.55
N ASN A 168 8.55 -1.51 -3.83
CA ASN A 168 9.56 -0.85 -3.06
C ASN A 168 10.91 -1.00 -3.66
N SER A 169 11.92 -0.80 -2.82
CA SER A 169 13.30 -0.93 -3.21
C SER A 169 13.88 -2.07 -2.40
N TYR A 170 14.92 -2.70 -2.94
CA TYR A 170 15.55 -3.84 -2.31
C TYR A 170 16.92 -3.46 -1.81
N GLY A 171 17.27 -3.94 -0.64
CA GLY A 171 18.48 -3.47 -0.02
C GLY A 171 19.47 -4.57 0.28
N ALA A 172 20.73 -4.16 0.42
CA ALA A 172 21.75 -5.07 0.83
C ALA A 172 22.84 -4.24 1.50
N THR A 173 23.54 -4.81 2.47
CA THR A 173 24.72 -4.15 3.02
C THR A 173 25.94 -5.06 2.89
N PHE A 174 27.13 -4.45 2.95
CA PHE A 174 28.36 -5.24 3.00
C PHE A 174 29.50 -4.47 3.66
N SER A 175 30.59 -5.17 3.95
CA SER A 175 31.76 -4.54 4.52
C SER A 175 32.43 -3.66 3.51
N PHE A 176 32.82 -2.45 3.93
CA PHE A 176 33.64 -1.59 3.09
C PHE A 176 35.10 -2.10 3.08
N GLN A 177 35.53 -2.64 1.96
CA GLN A 177 36.90 -3.13 1.81
C GLN A 177 37.50 -2.58 0.52
N PRO A 178 38.83 -2.67 0.37
CA PRO A 178 39.42 -2.39 -0.92
C PRO A 178 39.20 -3.57 -1.84
N TYR A 179 37.95 -3.85 -2.18
CA TYR A 179 37.60 -4.95 -3.08
C TYR A 179 38.33 -4.72 -4.38
N THR A 180 38.76 -5.80 -5.04
CA THR A 180 39.38 -5.70 -6.36
C THR A 180 38.56 -6.40 -7.42
N SER A 181 37.50 -7.07 -6.97
CA SER A 181 36.70 -7.94 -7.81
C SER A 181 35.35 -8.13 -7.17
N ILE A 182 34.30 -8.08 -7.96
CA ILE A 182 32.95 -8.31 -7.47
C ILE A 182 32.87 -9.74 -6.98
N ASP A 183 33.72 -10.59 -7.56
CA ASP A 183 33.93 -11.95 -7.08
C ASP A 183 34.14 -12.01 -5.57
N GLU A 184 34.85 -11.02 -5.03
CA GLU A 184 35.17 -10.97 -3.60
C GLU A 184 34.02 -10.50 -2.72
N MET A 185 32.90 -10.10 -3.30
CA MET A 185 31.83 -9.48 -2.51
C MET A 185 30.83 -10.45 -1.91
N THR A 186 30.49 -10.25 -0.64
CA THR A 186 29.33 -10.90 -0.03
C THR A 186 28.56 -9.96 0.89
N TYR A 187 27.23 -10.07 0.82
CA TYR A 187 26.34 -9.22 1.60
C TYR A 187 26.25 -9.76 3.00
N ARG A 188 26.22 -8.84 3.96
CA ARG A 188 26.03 -9.20 5.36
C ARG A 188 24.56 -9.42 5.56
N HIS A 189 23.76 -8.42 5.18
CA HIS A 189 22.31 -8.54 5.17
C HIS A 189 21.69 -8.09 3.86
N ILE A 190 20.53 -8.66 3.56
CA ILE A 190 19.62 -8.06 2.59
C ILE A 190 18.56 -7.41 3.46
N PHE A 191 17.93 -6.35 2.97
CA PHE A 191 16.92 -5.68 3.78
C PHE A 191 15.86 -5.00 2.94
N THR A 192 14.81 -4.52 3.60
CA THR A 192 13.73 -3.82 2.90
C THR A 192 13.16 -2.75 3.83
N PRO A 193 13.00 -1.51 3.35
CA PRO A 193 12.50 -0.41 4.17
C PRO A 193 11.06 -0.62 4.66
N VAL A 194 10.71 -0.08 5.82
CA VAL A 194 9.31 -0.06 6.25
C VAL A 194 8.70 1.33 6.16
N LEU A 195 7.38 1.36 5.92
CA LEU A 195 6.66 2.61 5.71
C LEU A 195 5.65 2.94 6.82
N THR A 196 5.24 1.94 7.59
CA THR A 196 4.25 2.13 8.65
C THR A 196 4.86 2.00 10.04
N ASN A 197 4.03 2.17 11.07
CA ASN A 197 4.44 1.91 12.43
C ASN A 197 3.52 0.84 13.00
N LYS A 198 2.70 0.27 12.14
CA LYS A 198 1.84 -0.80 12.56
C LYS A 198 2.85 -1.82 12.92
N GLN A 199 2.54 -2.65 13.88
CA GLN A 199 3.47 -3.65 14.34
C GLN A 199 3.37 -4.91 13.53
N ILE A 200 4.49 -5.42 13.06
CA ILE A 200 4.43 -6.66 12.34
C ILE A 200 3.96 -7.63 13.38
N SER A 201 3.01 -8.50 13.03
CA SER A 201 2.34 -9.34 14.03
C SER A 201 2.98 -10.49 14.82
N SER A 202 3.66 -11.40 14.15
CA SER A 202 4.23 -12.57 14.79
C SER A 202 5.54 -12.54 14.04
N ILE A 203 6.40 -11.59 14.41
CA ILE A 203 7.71 -11.48 13.77
C ILE A 203 8.68 -12.46 14.40
N THR A 204 9.34 -13.24 13.54
CA THR A 204 10.20 -14.30 14.01
C THR A 204 11.59 -13.74 14.22
N PRO A 205 12.41 -14.45 15.00
CA PRO A 205 13.62 -13.84 15.54
C PRO A 205 14.69 -13.62 14.48
N ASP A 206 14.55 -14.28 13.31
CA ASP A 206 15.55 -14.19 12.26
C ASP A 206 15.44 -12.91 11.46
N MET A 207 14.42 -12.11 11.78
CA MET A 207 14.29 -10.76 11.26
C MET A 207 14.76 -9.80 12.32
N GLU A 208 15.54 -8.81 11.92
CA GLU A 208 15.87 -7.73 12.83
C GLU A 208 15.24 -6.48 12.28
N ILE A 209 14.50 -5.79 13.13
CA ILE A 209 14.02 -4.46 12.80
C ILE A 209 15.06 -3.50 13.28
N THR A 210 15.55 -2.67 12.38
CA THR A 210 16.55 -1.72 12.78
C THR A 210 16.52 -0.68 11.68
N THR A 211 17.36 0.34 11.76
CA THR A 211 17.39 1.33 10.71
C THR A 211 18.75 1.74 10.18
N ILE A 212 18.71 2.56 9.15
CA ILE A 212 19.86 3.26 8.60
C ILE A 212 19.93 4.59 9.30
N PRO A 213 20.97 4.78 10.13
CA PRO A 213 21.06 5.89 11.07
C PRO A 213 21.04 7.25 10.39
N LYS A 214 20.41 8.22 11.03
CA LYS A 214 20.59 9.59 10.60
C LYS A 214 22.08 9.89 10.67
N GLY A 215 22.65 10.43 9.61
CA GLY A 215 24.07 10.71 9.63
C GLY A 215 24.56 11.34 8.35
N ARG A 216 25.88 11.36 8.16
CA ARG A 216 26.41 11.93 6.93
C ARG A 216 26.99 10.82 6.06
N TYR A 217 26.57 10.82 4.80
CA TYR A 217 26.88 9.70 3.90
C TYR A 217 27.55 10.10 2.61
N ALA A 218 28.53 9.30 2.21
CA ALA A 218 29.13 9.42 0.90
C ALA A 218 28.26 8.61 -0.02
N CYS A 219 27.58 9.27 -0.97
CA CYS A 219 26.71 8.55 -1.88
C CYS A 219 27.12 8.58 -3.34
N ILE A 220 26.56 7.63 -4.08
CA ILE A 220 26.74 7.50 -5.52
C ILE A 220 25.49 6.79 -6.02
N ALA A 221 24.95 7.19 -7.17
CA ALA A 221 23.72 6.59 -7.67
C ALA A 221 23.65 6.68 -9.17
N TYR A 222 23.23 5.61 -9.82
CA TYR A 222 23.29 5.55 -11.26
C TYR A 222 22.23 4.60 -11.79
N ASN A 223 21.93 4.71 -13.08
CA ASN A 223 21.05 3.71 -13.62
C ASN A 223 21.85 2.47 -13.88
N PHE A 224 21.26 1.31 -13.61
CA PHE A 224 22.01 0.06 -13.64
C PHE A 224 22.51 -0.38 -15.00
N SER A 225 23.70 -0.99 -14.98
CA SER A 225 24.36 -1.67 -16.10
C SER A 225 25.56 -2.42 -15.52
N PRO A 226 25.71 -3.69 -15.91
CA PRO A 226 26.70 -4.50 -15.21
C PRO A 226 28.12 -3.97 -15.34
N GLU A 227 28.44 -3.32 -16.45
CA GLU A 227 29.73 -2.66 -16.54
C GLU A 227 29.88 -1.76 -15.32
N HIS A 228 28.90 -0.91 -15.10
CA HIS A 228 29.01 0.20 -14.17
C HIS A 228 28.94 -0.19 -12.71
N TYR A 229 28.25 -1.29 -12.43
CA TYR A 229 28.10 -1.65 -11.03
C TYR A 229 29.31 -1.65 -10.10
N PHE A 230 30.36 -2.33 -10.58
CA PHE A 230 31.56 -2.51 -9.78
C PHE A 230 32.34 -1.21 -9.87
N LEU A 231 32.52 -0.73 -11.09
CA LEU A 231 33.34 0.43 -11.33
C LEU A 231 32.86 1.68 -10.58
N ASN A 232 31.55 1.79 -10.36
CA ASN A 232 31.01 2.86 -9.53
C ASN A 232 31.34 2.64 -8.06
N LEU A 233 31.17 1.40 -7.60
CA LEU A 233 31.63 1.09 -6.24
C LEU A 233 33.09 1.56 -6.03
N GLN A 234 33.92 1.31 -7.05
CA GLN A 234 35.31 1.75 -7.02
C GLN A 234 35.39 3.26 -6.94
N LYS A 235 34.61 3.95 -7.77
CA LYS A 235 34.57 5.41 -7.68
C LYS A 235 34.46 5.80 -6.20
N LEU A 236 33.54 5.16 -5.49
CA LEU A 236 33.27 5.49 -4.07
C LEU A 236 34.45 5.20 -3.11
N ILE A 237 34.95 3.99 -3.18
CA ILE A 237 36.11 3.63 -2.38
C ILE A 237 37.20 4.66 -2.61
N LYS A 238 37.36 5.07 -3.87
CA LYS A 238 38.37 6.08 -4.18
C LYS A 238 38.02 7.40 -3.51
N TYR A 239 36.77 7.85 -3.62
CA TYR A 239 36.39 9.14 -3.05
C TYR A 239 36.89 9.22 -1.61
N ILE A 240 36.64 8.13 -0.89
CA ILE A 240 37.02 8.09 0.51
C ILE A 240 38.53 8.03 0.66
N ALA A 241 39.17 7.18 -0.12
CA ALA A 241 40.62 7.14 -0.08
C ALA A 241 41.22 8.54 -0.17
N ASP A 242 40.88 9.26 -1.23
CA ASP A 242 41.48 10.57 -1.52
C ASP A 242 41.15 11.58 -0.43
N ARG A 243 39.93 11.56 0.11
CA ARG A 243 39.62 12.55 1.17
C ARG A 243 39.97 12.07 2.57
N GLN A 244 40.60 10.90 2.67
CA GLN A 244 40.99 10.32 3.95
C GLN A 244 39.86 10.18 4.99
N LEU A 245 38.62 10.13 4.54
CA LEU A 245 37.48 10.00 5.43
C LEU A 245 37.51 8.69 6.20
N THR A 246 36.83 8.69 7.35
CA THR A 246 36.65 7.46 8.12
C THR A 246 35.21 6.95 8.02
N VAL A 247 35.03 5.65 7.82
CA VAL A 247 33.70 5.09 7.71
C VAL A 247 33.21 4.49 8.99
N VAL A 248 31.95 4.71 9.30
CA VAL A 248 31.40 4.27 10.55
C VAL A 248 30.24 3.34 10.39
N SER A 249 30.13 2.72 9.25
CA SER A 249 29.01 1.87 8.91
C SER A 249 29.39 1.03 7.75
N ASP A 250 28.50 0.14 7.33
CA ASP A 250 28.65 -0.69 6.16
C ASP A 250 28.22 0.01 4.89
N VAL A 251 28.55 -0.51 3.73
CA VAL A 251 28.00 0.02 2.51
C VAL A 251 26.56 -0.45 2.44
N TYR A 252 25.68 0.49 2.21
CA TYR A 252 24.28 0.24 1.97
C TYR A 252 24.07 0.32 0.46
N GLU A 253 23.14 -0.47 -0.05
CA GLU A 253 22.91 -0.55 -1.47
C GLU A 253 21.41 -0.75 -1.68
N LEU A 254 20.81 0.15 -2.44
CA LEU A 254 19.39 0.02 -2.79
C LEU A 254 19.14 0.03 -4.27
N ILE A 255 18.34 -0.93 -4.71
CA ILE A 255 17.95 -1.00 -6.10
C ILE A 255 16.47 -0.73 -6.15
N ILE A 256 16.07 0.38 -6.73
CA ILE A 256 14.63 0.62 -6.99
C ILE A 256 14.33 0.66 -8.50
N PRO A 257 13.31 -0.06 -8.97
CA PRO A 257 12.93 -0.05 -10.39
C PRO A 257 12.49 1.31 -10.92
N ILE A 258 12.86 1.62 -12.17
CA ILE A 258 12.54 2.90 -12.83
C ILE A 258 11.14 2.87 -13.43
N HIS A 259 10.65 1.66 -13.69
CA HIS A 259 9.30 1.45 -14.19
C HIS A 259 8.95 -0.01 -13.94
N TYR A 260 7.66 -0.32 -14.02
CA TYR A 260 7.23 -1.70 -13.81
C TYR A 260 6.54 -2.26 -15.05
N SER A 261 6.60 -1.55 -16.17
CA SER A 261 6.05 -2.10 -17.40
C SER A 261 6.89 -3.27 -17.86
N PRO A 262 6.25 -4.42 -18.08
CA PRO A 262 6.93 -5.62 -18.55
C PRO A 262 7.15 -5.54 -20.04
N LYS A 263 6.74 -4.42 -20.64
CA LYS A 263 6.89 -4.24 -22.08
C LYS A 263 8.23 -3.56 -22.46
N LYS A 264 8.82 -2.80 -21.54
CA LYS A 264 10.12 -2.17 -21.79
C LYS A 264 11.25 -2.97 -21.14
N GLN A 265 12.48 -2.79 -21.62
CA GLN A 265 13.61 -3.50 -21.04
C GLN A 265 13.69 -3.05 -19.60
N GLU A 266 13.92 -3.98 -18.69
CA GLU A 266 13.97 -3.65 -17.27
C GLU A 266 15.00 -2.55 -17.06
N GLU A 267 14.74 -1.63 -16.14
CA GLU A 267 15.75 -0.65 -15.76
C GLU A 267 15.67 -0.27 -14.28
N TYR A 268 16.84 -0.23 -13.62
CA TYR A 268 16.88 -0.03 -12.17
C TYR A 268 17.80 1.11 -11.74
N ARG A 269 17.31 1.91 -10.80
CA ARG A 269 18.14 2.91 -10.16
C ARG A 269 18.88 2.26 -9.02
N VAL A 270 20.19 2.41 -9.01
CA VAL A 270 21.00 1.89 -7.92
C VAL A 270 21.61 3.02 -7.12
N GLU A 271 21.70 2.79 -5.82
CA GLU A 271 22.21 3.81 -4.92
C GLU A 271 23.03 3.14 -3.85
N MET A 272 24.33 3.41 -3.83
CA MET A 272 25.23 2.96 -2.78
C MET A 272 25.53 4.11 -1.86
N LYS A 273 25.27 3.96 -0.57
CA LYS A 273 25.73 4.99 0.35
C LYS A 273 26.43 4.39 1.52
N ILE A 274 27.27 5.17 2.19
CA ILE A 274 28.00 4.68 3.34
C ILE A 274 28.36 5.79 4.29
N ARG A 275 27.98 5.66 5.55
CA ARG A 275 28.16 6.72 6.55
C ARG A 275 29.62 7.04 6.91
N ILE A 276 29.88 8.29 7.30
CA ILE A 276 31.22 8.74 7.66
C ILE A 276 31.17 9.71 8.86
N LEU A 277 32.31 9.89 9.54
CA LEU A 277 32.34 10.70 10.78
C LEU A 277 32.20 12.20 10.48
#